data_1PXC
#
_entry.id   1PXC
#
_cell.length_a   71.780
_cell.length_b   146.530
_cell.length_c   88.280
_cell.angle_alpha   90.00
_cell.angle_beta   90.00
_cell.angle_gamma   90.00
#
_symmetry.space_group_name_H-M   'C 2 2 21'
#
loop_
_entity.id
_entity.type
_entity.pdbx_description
1 polymer 'P-HYDROXYBENZOATE HYDROXYLASE'
2 non-polymer 'FLAVIN-ADENINE DINUCLEOTIDE'
3 non-polymer 'P-HYDROXYBENZOIC ACID'
4 water water
#
_entity_poly.entity_id   1
_entity_poly.type   'polypeptide(L)'
_entity_poly.pdbx_seq_one_letter_code
;MKTQVAIIGAGPSGLLLGQLLHKAGIDNVILERQTPDYVLGRIRAGVLEQGMVDLLREAGVDRRMARDGLVHEGVEIAFA
GQRRRIDLKRLSGGKTVTVYGQTEVTRDLMEAREACGATTVYQAAEVRLHDLQGERPYVTFERDGERLRLDCDYIAGCDG
FHGISRQSIPAERLKVFERVYPFGWLGLLADTPPVSHELIYANHPRGFALCSQRSATRSRYYVQVPLSEKVEDWSDERFW
TELKARLPSEVAEKLVTGPSLEKSIAPLRSFVVEPMQHGRLFLAGDAAHIVPPTGAKGLNLAASDVSTLYRLLLKAYREG
RGELLERYSAICLRRIWKAERFSWWMTSVLHRFPDTDAFSQRIQQTELEYYLGSEAGLATIAENFVGLPYEEIE
;
_entity_poly.pdbx_strand_id   A
#
loop_
_chem_comp.id
_chem_comp.type
_chem_comp.name
_chem_comp.formula
FAD non-polymer 'FLAVIN-ADENINE DINUCLEOTIDE' 'C27 H33 N9 O15 P2'
PHB non-polymer 'P-HYDROXYBENZOIC ACID' 'C7 H6 O3'
#
# COMPACT_ATOMS: atom_id res chain seq x y z
N MET A 1 -19.85 -10.59 23.47
CA MET A 1 -19.15 -9.31 23.43
C MET A 1 -19.85 -8.18 22.66
N LYS A 2 -19.73 -6.90 22.99
CA LYS A 2 -20.36 -5.84 22.22
C LYS A 2 -19.39 -4.71 21.98
N THR A 3 -19.40 -4.07 20.83
CA THR A 3 -18.52 -2.94 20.54
C THR A 3 -19.21 -1.98 19.60
N GLN A 4 -18.65 -0.86 19.17
CA GLN A 4 -19.33 -0.02 18.19
C GLN A 4 -18.91 -0.39 16.78
N VAL A 5 -17.60 -0.40 16.53
CA VAL A 5 -17.05 -0.76 15.21
C VAL A 5 -16.18 -2.01 15.28
N ALA A 6 -16.53 -3.09 14.59
CA ALA A 6 -15.66 -4.27 14.55
C ALA A 6 -14.74 -4.14 13.35
N ILE A 7 -13.44 -4.32 13.52
CA ILE A 7 -12.48 -4.15 12.43
C ILE A 7 -11.87 -5.51 12.10
N ILE A 8 -12.02 -6.05 10.91
CA ILE A 8 -11.42 -7.34 10.60
C ILE A 8 -10.06 -7.05 9.99
N GLY A 9 -8.98 -7.40 10.67
CA GLY A 9 -7.64 -7.21 10.15
C GLY A 9 -6.77 -6.19 10.90
N ALA A 10 -5.67 -6.69 11.44
CA ALA A 10 -4.67 -5.86 12.11
C ALA A 10 -3.39 -5.57 11.30
N GLY A 11 -3.56 -5.25 10.02
CA GLY A 11 -2.44 -4.76 9.27
C GLY A 11 -2.51 -3.24 9.36
N PRO A 12 -1.80 -2.43 8.57
CA PRO A 12 -1.89 -0.97 8.70
C PRO A 12 -3.27 -0.36 8.54
N SER A 13 -4.18 -0.80 7.69
CA SER A 13 -5.51 -0.22 7.56
C SER A 13 -6.35 -0.41 8.82
N GLY A 14 -6.46 -1.62 9.33
CA GLY A 14 -7.26 -1.85 10.52
C GLY A 14 -6.69 -1.17 11.73
N LEU A 15 -5.37 -1.17 11.94
CA LEU A 15 -4.77 -0.47 13.09
C LEU A 15 -4.89 1.04 13.04
N LEU A 16 -4.64 1.68 11.89
CA LEU A 16 -4.84 3.13 11.77
C LEU A 16 -6.31 3.53 11.93
N LEU A 17 -7.28 2.79 11.37
CA LEU A 17 -8.69 3.10 11.62
C LEU A 17 -9.07 3.00 13.10
N GLY A 18 -8.59 1.92 13.71
CA GLY A 18 -8.78 1.67 15.12
C GLY A 18 -8.24 2.76 16.03
N GLN A 19 -7.04 3.28 15.73
CA GLN A 19 -6.44 4.34 16.51
C GLN A 19 -7.13 5.68 16.38
N LEU A 20 -7.46 6.07 15.17
CA LEU A 20 -8.25 7.24 14.92
C LEU A 20 -9.56 7.23 15.67
N LEU A 21 -10.30 6.11 15.52
CA LEU A 21 -11.56 5.94 16.21
C LEU A 21 -11.44 5.92 17.71
N HIS A 22 -10.44 5.26 18.25
CA HIS A 22 -10.28 5.25 19.69
C HIS A 22 -10.06 6.65 20.20
N LYS A 23 -9.18 7.40 19.56
CA LYS A 23 -8.88 8.74 19.93
C LYS A 23 -10.09 9.65 19.86
N ALA A 24 -11.05 9.47 18.96
CA ALA A 24 -12.29 10.26 19.01
C ALA A 24 -13.39 9.74 19.94
N GLY A 25 -13.12 8.69 20.69
CA GLY A 25 -14.09 8.18 21.66
C GLY A 25 -15.03 7.10 21.18
N ILE A 26 -14.74 6.55 20.01
CA ILE A 26 -15.59 5.51 19.37
C ILE A 26 -14.96 4.13 19.56
N ASP A 27 -15.59 3.35 20.42
CA ASP A 27 -15.06 2.03 20.73
C ASP A 27 -15.01 1.06 19.58
N ASN A 28 -13.95 0.25 19.52
CA ASN A 28 -13.69 -0.69 18.42
C ASN A 28 -12.86 -1.90 18.78
N VAL A 29 -13.11 -3.05 18.18
CA VAL A 29 -12.39 -4.29 18.46
C VAL A 29 -11.72 -4.67 17.15
N ILE A 30 -10.47 -5.06 17.14
CA ILE A 30 -9.85 -5.57 15.95
C ILE A 30 -9.75 -7.10 16.06
N LEU A 31 -10.17 -7.83 15.04
CA LEU A 31 -9.94 -9.28 14.98
C LEU A 31 -8.89 -9.64 13.92
N GLU A 32 -7.80 -10.29 14.27
CA GLU A 32 -6.74 -10.73 13.34
C GLU A 32 -6.54 -12.24 13.29
N ARG A 33 -6.44 -12.90 12.11
CA ARG A 33 -6.22 -14.35 11.96
C ARG A 33 -4.86 -14.84 12.48
N GLN A 34 -3.83 -14.05 12.22
CA GLN A 34 -2.45 -14.37 12.54
C GLN A 34 -1.97 -13.91 13.89
N THR A 35 -0.69 -14.15 14.16
CA THR A 35 -0.03 -13.67 15.37
C THR A 35 0.59 -12.27 15.18
N PRO A 36 0.89 -11.49 16.22
CA PRO A 36 1.65 -10.25 16.11
C PRO A 36 2.93 -10.40 15.29
N ASP A 37 3.70 -11.43 15.58
CA ASP A 37 4.98 -11.72 14.92
C ASP A 37 4.79 -11.97 13.42
N TYR A 38 3.79 -12.73 12.96
CA TYR A 38 3.58 -12.97 11.52
C TYR A 38 3.27 -11.65 10.84
N VAL A 39 2.44 -10.79 11.41
CA VAL A 39 2.10 -9.53 10.77
C VAL A 39 3.32 -8.63 10.61
N LEU A 40 4.20 -8.75 11.58
CA LEU A 40 5.40 -7.94 11.59
C LEU A 40 6.55 -8.46 10.71
N GLY A 41 6.46 -9.71 10.25
CA GLY A 41 7.42 -10.23 9.29
C GLY A 41 7.26 -9.69 7.86
N ARG A 42 6.07 -9.14 7.53
CA ARG A 42 5.80 -8.68 6.14
C ARG A 42 6.56 -7.40 5.81
N ILE A 43 7.44 -7.32 4.81
CA ILE A 43 8.22 -6.11 4.61
C ILE A 43 7.49 -4.98 3.89
N ARG A 44 6.94 -5.36 2.76
CA ARG A 44 6.16 -4.51 1.89
C ARG A 44 6.56 -3.05 1.63
N ALA A 45 5.70 -2.07 1.82
CA ALA A 45 5.91 -0.68 1.52
C ALA A 45 7.07 0.07 2.08
N GLY A 46 7.62 0.97 1.28
CA GLY A 46 8.60 1.89 1.84
C GLY A 46 8.25 3.36 1.69
N VAL A 47 7.39 3.73 0.73
CA VAL A 47 7.07 5.11 0.39
C VAL A 47 5.68 5.57 0.83
N LEU A 48 5.70 6.59 1.69
CA LEU A 48 4.52 7.25 2.22
C LEU A 48 4.28 8.64 1.64
N GLU A 49 3.05 8.86 1.23
CA GLU A 49 2.57 10.19 0.86
C GLU A 49 2.46 11.19 2.04
N GLN A 50 2.47 12.50 1.86
CA GLN A 50 2.32 13.48 2.95
C GLN A 50 1.00 13.30 3.65
N GLY A 51 -0.05 13.00 2.87
CA GLY A 51 -1.38 12.70 3.39
C GLY A 51 -1.42 11.60 4.44
N MET A 52 -0.59 10.60 4.17
CA MET A 52 -0.40 9.49 5.07
C MET A 52 0.42 9.91 6.30
N VAL A 53 1.48 10.70 6.10
CA VAL A 53 2.26 11.26 7.21
C VAL A 53 1.35 12.12 8.12
N ASP A 54 0.42 12.92 7.58
CA ASP A 54 -0.48 13.74 8.39
C ASP A 54 -1.54 13.00 9.19
N LEU A 55 -1.97 11.86 8.64
CA LEU A 55 -2.91 10.96 9.30
C LEU A 55 -2.28 10.24 10.49
N LEU A 56 -1.04 9.79 10.40
CA LEU A 56 -0.31 9.23 11.53
C LEU A 56 -0.09 10.26 12.63
N ARG A 57 0.15 11.51 12.24
CA ARG A 57 0.28 12.59 13.23
C ARG A 57 -1.08 12.83 13.90
N GLU A 58 -2.16 12.90 13.12
CA GLU A 58 -3.52 12.99 13.65
C GLU A 58 -3.89 11.84 14.61
N ALA A 59 -3.41 10.64 14.35
CA ALA A 59 -3.60 9.51 15.24
C ALA A 59 -2.60 9.48 16.39
N GLY A 60 -1.68 10.44 16.47
CA GLY A 60 -0.71 10.58 17.55
C GLY A 60 0.45 9.60 17.53
N VAL A 61 0.66 8.97 16.39
CA VAL A 61 1.64 7.92 16.29
C VAL A 61 2.77 8.33 15.36
N ASP A 62 3.35 9.51 15.53
CA ASP A 62 4.40 9.94 14.59
C ASP A 62 5.80 10.23 15.12
N ARG A 63 6.03 10.02 16.42
CA ARG A 63 7.31 10.33 17.06
C ARG A 63 8.54 9.68 16.39
N ARG A 64 8.47 8.38 16.15
CA ARG A 64 9.55 7.65 15.50
C ARG A 64 9.61 7.95 14.03
N MET A 65 8.47 8.09 13.35
CA MET A 65 8.52 8.49 11.96
C MET A 65 9.17 9.86 11.72
N ALA A 66 8.85 10.88 12.48
CA ALA A 66 9.47 12.17 12.32
C ALA A 66 10.99 12.14 12.63
N ARG A 67 11.43 11.22 13.49
CA ARG A 67 12.85 11.05 13.80
C ARG A 67 13.65 10.28 12.75
N ASP A 68 13.06 9.15 12.40
CA ASP A 68 13.67 8.18 11.54
C ASP A 68 13.25 8.09 10.08
N GLY A 69 12.10 8.62 9.71
CA GLY A 69 11.68 8.65 8.33
C GLY A 69 12.59 9.52 7.49
N LEU A 70 12.81 9.21 6.23
CA LEU A 70 13.63 10.07 5.40
C LEU A 70 12.75 10.89 4.45
N VAL A 71 12.83 12.20 4.33
CA VAL A 71 11.98 12.97 3.43
C VAL A 71 12.69 12.99 2.10
N HIS A 72 12.03 12.70 1.00
CA HIS A 72 12.67 12.70 -0.30
C HIS A 72 12.06 13.75 -1.15
N GLU A 73 12.92 14.50 -1.82
CA GLU A 73 12.47 15.60 -2.66
C GLU A 73 12.47 15.31 -4.12
N GLY A 74 13.05 14.16 -4.43
CA GLY A 74 13.10 13.78 -5.83
C GLY A 74 13.25 12.27 -6.00
N VAL A 75 13.12 11.82 -7.26
CA VAL A 75 13.22 10.39 -7.66
C VAL A 75 13.91 10.30 -9.04
N GLU A 76 14.74 9.32 -9.34
CA GLU A 76 15.35 9.15 -10.65
C GLU A 76 14.75 8.03 -11.48
N ILE A 77 14.63 8.23 -12.78
CA ILE A 77 14.31 7.19 -13.73
C ILE A 77 15.50 7.02 -14.68
N ALA A 78 15.95 5.80 -14.86
CA ALA A 78 17.00 5.45 -15.80
C ALA A 78 16.51 4.64 -16.96
N PHE A 79 16.79 5.10 -18.14
CA PHE A 79 16.41 4.37 -19.32
C PHE A 79 17.37 4.69 -20.44
N ALA A 80 17.66 3.73 -21.32
CA ALA A 80 18.54 3.94 -22.48
C ALA A 80 19.84 4.70 -22.28
N GLY A 81 20.66 4.23 -21.34
CA GLY A 81 21.91 4.94 -21.03
C GLY A 81 21.79 6.31 -20.33
N GLN A 82 20.62 6.77 -19.88
CA GLN A 82 20.53 8.05 -19.20
C GLN A 82 19.71 8.04 -17.95
N ARG A 83 20.10 8.88 -16.99
CA ARG A 83 19.36 9.06 -15.75
C ARG A 83 18.70 10.43 -15.69
N ARG A 84 17.43 10.48 -15.34
CA ARG A 84 16.66 11.72 -15.27
C ARG A 84 16.04 11.92 -13.90
N ARG A 85 16.35 13.01 -13.20
CA ARG A 85 15.75 13.32 -11.91
C ARG A 85 14.47 14.12 -12.09
N ILE A 86 13.44 13.70 -11.38
CA ILE A 86 12.17 14.42 -11.29
C ILE A 86 12.22 15.15 -9.97
N ASP A 87 12.35 16.46 -9.95
CA ASP A 87 12.30 17.23 -8.72
C ASP A 87 10.85 17.30 -8.28
N LEU A 88 10.46 16.44 -7.35
CA LEU A 88 9.08 16.38 -6.91
C LEU A 88 8.64 17.65 -6.20
N LYS A 89 9.54 18.17 -5.39
CA LYS A 89 9.22 19.33 -4.60
C LYS A 89 8.90 20.55 -5.46
N ARG A 90 9.76 20.82 -6.43
CA ARG A 90 9.62 21.90 -7.39
C ARG A 90 8.40 21.73 -8.26
N LEU A 91 8.28 20.58 -8.91
CA LEU A 91 7.19 20.35 -9.84
C LEU A 91 5.80 20.07 -9.23
N SER A 92 5.72 19.72 -7.94
CA SER A 92 4.38 19.46 -7.35
C SER A 92 3.80 20.59 -6.54
N GLY A 93 4.59 21.66 -6.51
CA GLY A 93 4.28 22.82 -5.71
C GLY A 93 4.65 22.59 -4.23
N GLY A 94 5.88 22.18 -3.97
CA GLY A 94 6.38 21.93 -2.62
C GLY A 94 6.02 20.61 -1.94
N LYS A 95 5.26 19.64 -2.46
CA LYS A 95 5.08 18.38 -1.74
C LYS A 95 6.30 17.44 -1.87
N THR A 96 6.53 16.63 -0.87
CA THR A 96 7.60 15.65 -0.90
C THR A 96 7.01 14.27 -0.60
N VAL A 97 7.77 13.18 -0.56
CA VAL A 97 7.25 11.90 -0.05
C VAL A 97 8.16 11.48 1.10
N THR A 98 7.75 10.60 2.01
CA THR A 98 8.56 10.13 3.14
C THR A 98 8.88 8.65 3.06
N VAL A 99 10.13 8.20 3.22
CA VAL A 99 10.48 6.79 3.21
C VAL A 99 10.63 6.30 4.65
N TYR A 100 9.71 5.42 5.04
CA TYR A 100 9.64 4.83 6.38
C TYR A 100 8.93 3.49 6.15
N GLY A 101 9.52 2.37 6.53
CA GLY A 101 8.98 1.06 6.20
C GLY A 101 7.62 0.71 6.80
N GLN A 102 6.86 -0.09 6.05
CA GLN A 102 5.56 -0.55 6.50
C GLN A 102 5.62 -1.32 7.82
N THR A 103 6.68 -2.10 8.00
CA THR A 103 6.95 -2.83 9.23
C THR A 103 6.98 -1.90 10.42
N GLU A 104 7.67 -0.77 10.23
CA GLU A 104 7.84 0.26 11.25
C GLU A 104 6.57 0.98 11.61
N VAL A 105 5.83 1.42 10.59
CA VAL A 105 4.51 2.01 10.76
C VAL A 105 3.61 1.07 11.57
N THR A 106 3.61 -0.21 11.17
CA THR A 106 2.75 -1.20 11.83
C THR A 106 3.14 -1.43 13.30
N ARG A 107 4.41 -1.56 13.61
CA ARG A 107 4.92 -1.66 14.99
C ARG A 107 4.54 -0.45 15.80
N ASP A 108 4.66 0.77 15.24
CA ASP A 108 4.26 1.99 15.94
C ASP A 108 2.78 2.05 16.29
N LEU A 109 1.93 1.66 15.35
CA LEU A 109 0.50 1.58 15.62
C LEU A 109 0.19 0.50 16.64
N MET A 110 0.79 -0.67 16.53
CA MET A 110 0.66 -1.75 17.51
C MET A 110 1.04 -1.38 18.94
N GLU A 111 2.17 -0.70 19.10
CA GLU A 111 2.64 -0.13 20.37
C GLU A 111 1.68 0.90 20.96
N ALA A 112 1.15 1.78 20.12
CA ALA A 112 0.11 2.75 20.46
C ALA A 112 -1.24 2.14 20.90
N ARG A 113 -1.78 1.17 20.18
CA ARG A 113 -3.01 0.47 20.54
C ARG A 113 -2.88 -0.24 21.86
N GLU A 114 -1.77 -0.93 22.09
CA GLU A 114 -1.50 -1.66 23.31
C GLU A 114 -1.52 -0.75 24.53
N ALA A 115 -0.76 0.34 24.46
CA ALA A 115 -0.73 1.36 25.51
C ALA A 115 -2.07 1.96 25.92
N CYS A 116 -2.94 2.26 24.97
CA CYS A 116 -4.23 2.83 25.29
C CYS A 116 -5.28 1.83 25.75
N GLY A 117 -4.92 0.55 25.71
CA GLY A 117 -5.80 -0.50 26.21
C GLY A 117 -6.97 -0.90 25.34
N ALA A 118 -6.98 -0.56 24.06
CA ALA A 118 -8.09 -0.96 23.21
C ALA A 118 -8.11 -2.44 22.84
N THR A 119 -9.23 -3.07 22.53
CA THR A 119 -9.25 -4.51 22.23
C THR A 119 -8.68 -4.98 20.92
N THR A 120 -7.75 -5.93 21.01
CA THR A 120 -7.29 -6.63 19.81
C THR A 120 -7.30 -8.12 20.05
N VAL A 121 -8.03 -8.93 19.28
CA VAL A 121 -7.95 -10.42 19.41
C VAL A 121 -7.09 -11.01 18.30
N TYR A 122 -5.88 -11.49 18.57
CA TYR A 122 -5.07 -12.19 17.59
C TYR A 122 -5.43 -13.67 17.59
N GLN A 123 -4.99 -14.46 16.59
CA GLN A 123 -5.44 -15.86 16.40
C GLN A 123 -6.94 -16.10 16.47
N ALA A 124 -7.64 -15.11 15.92
CA ALA A 124 -9.07 -15.23 15.79
C ALA A 124 -9.37 -16.10 14.59
N ALA A 125 -9.67 -17.37 14.80
CA ALA A 125 -9.85 -18.25 13.66
C ALA A 125 -11.24 -18.23 13.05
N GLU A 126 -11.33 -18.58 11.78
CA GLU A 126 -12.61 -18.66 11.10
C GLU A 126 -13.65 -17.57 11.36
N VAL A 127 -13.20 -16.33 11.16
CA VAL A 127 -14.11 -15.19 11.20
C VAL A 127 -15.24 -15.23 10.18
N ARG A 128 -16.47 -15.07 10.64
CA ARG A 128 -17.63 -15.01 9.76
C ARG A 128 -18.44 -13.79 10.08
N LEU A 129 -19.06 -13.21 9.08
CA LEU A 129 -19.82 -12.00 9.18
C LEU A 129 -21.27 -12.30 8.99
N HIS A 130 -22.18 -11.74 9.80
CA HIS A 130 -23.60 -12.06 9.75
C HIS A 130 -24.54 -10.89 9.83
N ASP A 131 -25.66 -11.01 9.15
CA ASP A 131 -26.73 -10.04 9.16
C ASP A 131 -26.25 -8.67 8.75
N LEU A 132 -25.58 -8.64 7.60
CA LEU A 132 -25.03 -7.38 7.10
C LEU A 132 -26.02 -6.26 6.73
N GLN A 133 -27.26 -6.59 6.38
CA GLN A 133 -28.28 -5.60 6.04
C GLN A 133 -29.23 -5.43 7.22
N GLY A 134 -28.80 -5.80 8.41
CA GLY A 134 -29.63 -5.61 9.59
C GLY A 134 -29.27 -4.32 10.33
N GLU A 135 -29.92 -4.16 11.47
CA GLU A 135 -29.66 -3.10 12.44
C GLU A 135 -28.50 -3.48 13.38
N ARG A 136 -28.45 -4.78 13.60
CA ARG A 136 -27.51 -5.41 14.50
C ARG A 136 -26.63 -6.47 13.81
N PRO A 137 -25.64 -6.11 12.98
CA PRO A 137 -24.61 -7.03 12.51
C PRO A 137 -23.82 -7.66 13.63
N TYR A 138 -23.27 -8.82 13.38
CA TYR A 138 -22.44 -9.48 14.36
C TYR A 138 -21.38 -10.28 13.62
N VAL A 139 -20.31 -10.56 14.34
CA VAL A 139 -19.18 -11.30 13.81
C VAL A 139 -19.03 -12.55 14.67
N THR A 140 -18.85 -13.74 14.09
CA THR A 140 -18.48 -14.87 14.95
C THR A 140 -17.08 -15.31 14.62
N PHE A 141 -16.38 -15.83 15.61
CA PHE A 141 -15.02 -16.31 15.47
C PHE A 141 -14.65 -17.32 16.53
N GLU A 142 -13.55 -18.01 16.31
CA GLU A 142 -13.09 -19.01 17.23
C GLU A 142 -11.80 -18.62 17.91
N ARG A 143 -11.77 -18.77 19.21
CA ARG A 143 -10.58 -18.50 20.00
C ARG A 143 -10.36 -19.76 20.84
N ASP A 144 -9.18 -20.42 20.81
CA ASP A 144 -8.93 -21.68 21.51
C ASP A 144 -10.01 -22.78 21.41
N GLY A 145 -10.60 -22.91 20.22
CA GLY A 145 -11.64 -23.91 20.00
C GLY A 145 -13.09 -23.51 20.30
N GLU A 146 -13.35 -22.51 21.15
CA GLU A 146 -14.74 -22.06 21.38
C GLU A 146 -15.21 -20.90 20.53
N ARG A 147 -16.40 -21.07 19.99
CA ARG A 147 -16.97 -20.08 19.10
C ARG A 147 -17.66 -18.94 19.83
N LEU A 148 -17.10 -17.75 19.65
CA LEU A 148 -17.62 -16.53 20.27
C LEU A 148 -18.29 -15.57 19.30
N ARG A 149 -19.24 -14.77 19.81
CA ARG A 149 -19.97 -13.78 19.05
C ARG A 149 -19.66 -12.31 19.46
N LEU A 150 -19.41 -11.41 18.51
CA LEU A 150 -19.19 -10.02 18.83
C LEU A 150 -20.25 -9.22 18.15
N ASP A 151 -21.04 -8.51 18.93
CA ASP A 151 -22.10 -7.67 18.37
C ASP A 151 -21.59 -6.26 18.05
N CYS A 152 -22.04 -5.57 17.00
CA CYS A 152 -21.48 -4.25 16.69
C CYS A 152 -22.45 -3.42 15.90
N ASP A 153 -22.22 -2.14 15.63
CA ASP A 153 -23.09 -1.41 14.75
C ASP A 153 -22.58 -1.47 13.33
N TYR A 154 -21.27 -1.46 13.16
CA TYR A 154 -20.64 -1.42 11.85
C TYR A 154 -19.46 -2.32 11.77
N ILE A 155 -19.15 -2.78 10.57
CA ILE A 155 -17.97 -3.61 10.41
C ILE A 155 -17.05 -3.02 9.34
N ALA A 156 -15.77 -2.90 9.65
CA ALA A 156 -14.79 -2.42 8.67
C ALA A 156 -13.91 -3.59 8.19
N GLY A 157 -14.00 -3.99 6.93
CA GLY A 157 -13.21 -5.08 6.40
C GLY A 157 -11.87 -4.55 5.97
N CYS A 158 -10.87 -4.76 6.80
CA CYS A 158 -9.51 -4.32 6.58
C CYS A 158 -8.58 -5.51 6.54
N ASP A 159 -9.06 -6.56 5.87
CA ASP A 159 -8.38 -7.84 5.88
C ASP A 159 -7.61 -8.28 4.63
N GLY A 160 -7.25 -7.28 3.82
CA GLY A 160 -6.40 -7.52 2.66
C GLY A 160 -7.04 -8.31 1.52
N PHE A 161 -6.26 -8.72 0.51
CA PHE A 161 -6.81 -9.35 -0.69
C PHE A 161 -7.48 -10.69 -0.45
N HIS A 162 -7.00 -11.49 0.51
CA HIS A 162 -7.51 -12.84 0.74
C HIS A 162 -8.40 -12.94 1.94
N GLY A 163 -8.93 -11.81 2.37
CA GLY A 163 -9.79 -11.79 3.54
C GLY A 163 -11.25 -12.20 3.37
N ILE A 164 -11.93 -12.44 4.47
CA ILE A 164 -13.30 -12.88 4.43
C ILE A 164 -14.26 -11.79 4.09
N SER A 165 -13.99 -10.52 4.29
CA SER A 165 -15.10 -9.60 4.13
C SER A 165 -15.45 -9.29 2.72
N ARG A 166 -14.57 -9.28 1.72
CA ARG A 166 -15.07 -9.09 0.37
C ARG A 166 -15.86 -10.33 -0.07
N GLN A 167 -15.50 -11.49 0.40
CA GLN A 167 -16.24 -12.74 0.10
C GLN A 167 -17.63 -12.85 0.73
N SER A 168 -17.86 -11.97 1.70
CA SER A 168 -19.14 -12.00 2.40
C SER A 168 -20.25 -11.16 1.82
N ILE A 169 -19.94 -10.47 0.74
CA ILE A 169 -20.90 -9.68 0.01
C ILE A 169 -21.47 -10.58 -1.11
N PRO A 170 -22.81 -10.73 -1.37
CA PRO A 170 -23.38 -11.41 -2.53
C PRO A 170 -22.64 -11.00 -3.76
N ALA A 171 -22.00 -11.96 -4.38
CA ALA A 171 -21.27 -11.74 -5.61
C ALA A 171 -21.99 -10.98 -6.69
N GLU A 172 -23.30 -11.09 -6.78
CA GLU A 172 -24.03 -10.32 -7.78
C GLU A 172 -24.10 -8.83 -7.52
N ARG A 173 -23.88 -8.41 -6.27
CA ARG A 173 -23.87 -6.98 -6.00
C ARG A 173 -22.50 -6.33 -6.34
N LEU A 174 -21.48 -7.12 -6.68
CA LEU A 174 -20.15 -6.61 -7.00
C LEU A 174 -19.69 -6.69 -8.44
N LYS A 175 -19.09 -5.58 -8.89
CA LYS A 175 -18.41 -5.48 -10.18
C LYS A 175 -16.92 -5.50 -9.97
N VAL A 176 -16.24 -6.47 -10.48
CA VAL A 176 -14.77 -6.61 -10.38
C VAL A 176 -14.05 -6.14 -11.66
N PHE A 177 -12.94 -5.45 -11.50
CA PHE A 177 -12.13 -4.98 -12.61
C PHE A 177 -10.74 -5.56 -12.37
N GLU A 178 -10.07 -6.36 -13.14
CA GLU A 178 -8.78 -6.92 -12.78
C GLU A 178 -7.89 -7.08 -14.00
N ARG A 179 -6.62 -6.85 -13.78
CA ARG A 179 -5.61 -7.12 -14.78
C ARG A 179 -4.49 -7.85 -14.07
N VAL A 180 -4.05 -8.99 -14.56
CA VAL A 180 -2.90 -9.72 -13.98
C VAL A 180 -1.73 -9.44 -14.90
N TYR A 181 -0.57 -9.07 -14.38
CA TYR A 181 0.59 -8.78 -15.24
C TYR A 181 1.45 -10.02 -15.39
N PRO A 182 2.11 -10.27 -16.51
CA PRO A 182 2.91 -11.46 -16.74
C PRO A 182 4.28 -11.46 -16.08
N PHE A 183 4.46 -10.86 -14.90
CA PHE A 183 5.75 -10.80 -14.20
C PHE A 183 5.51 -10.50 -12.71
N GLY A 184 6.53 -10.74 -11.90
CA GLY A 184 6.48 -10.35 -10.51
C GLY A 184 7.68 -9.49 -10.15
N TRP A 185 7.76 -9.07 -8.90
CA TRP A 185 8.98 -8.43 -8.47
C TRP A 185 9.75 -9.31 -7.51
N LEU A 186 11.02 -9.62 -7.73
CA LEU A 186 11.81 -10.30 -6.72
C LEU A 186 12.41 -9.24 -5.83
N GLY A 187 12.08 -9.21 -4.55
CA GLY A 187 12.61 -8.14 -3.70
C GLY A 187 13.69 -8.61 -2.75
N LEU A 188 14.70 -7.81 -2.43
CA LEU A 188 15.74 -8.20 -1.50
C LEU A 188 16.05 -7.13 -0.47
N LEU A 189 15.98 -7.46 0.81
CA LEU A 189 16.27 -6.56 1.92
C LEU A 189 17.68 -6.85 2.40
N ALA A 190 18.55 -5.89 2.57
CA ALA A 190 19.93 -6.14 2.98
C ALA A 190 20.41 -5.05 3.94
N ASP A 191 21.22 -5.37 4.94
CA ASP A 191 21.69 -4.38 5.89
C ASP A 191 22.91 -3.72 5.28
N THR A 192 22.73 -3.01 4.18
CA THR A 192 23.82 -2.34 3.46
C THR A 192 23.47 -0.88 3.24
N PRO A 193 24.34 0.12 3.11
CA PRO A 193 23.93 1.51 2.78
C PRO A 193 23.36 1.64 1.38
N PRO A 194 22.26 2.35 1.16
CA PRO A 194 21.66 2.51 -0.16
C PRO A 194 22.64 3.10 -1.16
N VAL A 195 22.49 2.74 -2.43
CA VAL A 195 23.36 3.21 -3.46
C VAL A 195 23.09 4.66 -3.91
N SER A 196 21.95 5.22 -3.55
CA SER A 196 21.68 6.63 -3.79
C SER A 196 20.86 7.22 -2.68
N HIS A 197 20.77 8.55 -2.52
CA HIS A 197 19.99 9.16 -1.46
C HIS A 197 18.49 9.26 -1.80
N GLU A 198 18.21 9.01 -3.09
CA GLU A 198 16.87 8.99 -3.64
C GLU A 198 16.64 7.68 -4.39
N LEU A 199 15.40 7.38 -4.70
CA LEU A 199 15.01 6.15 -5.41
C LEU A 199 15.43 6.13 -6.86
N ILE A 200 15.75 4.98 -7.41
CA ILE A 200 16.07 4.90 -8.83
C ILE A 200 15.20 3.84 -9.42
N TYR A 201 14.39 4.16 -10.39
CA TYR A 201 13.56 3.21 -11.10
C TYR A 201 14.30 2.97 -12.39
N ALA A 202 14.54 1.75 -12.79
CA ALA A 202 15.26 1.53 -14.02
C ALA A 202 14.55 0.65 -15.05
N ASN A 203 14.38 1.15 -16.30
CA ASN A 203 13.89 0.37 -17.40
C ASN A 203 15.15 -0.09 -18.10
N HIS A 204 15.38 -1.36 -18.25
CA HIS A 204 16.59 -1.92 -18.84
C HIS A 204 16.17 -2.94 -19.87
N PRO A 205 16.85 -3.36 -20.98
CA PRO A 205 16.39 -4.46 -21.85
C PRO A 205 16.20 -5.80 -21.15
N ARG A 206 17.04 -6.14 -20.19
CA ARG A 206 16.79 -7.36 -19.39
C ARG A 206 15.56 -7.37 -18.48
N GLY A 207 14.90 -6.23 -18.27
CA GLY A 207 13.80 -6.13 -17.31
C GLY A 207 13.99 -5.01 -16.26
N PHE A 208 12.91 -4.67 -15.57
CA PHE A 208 12.94 -3.62 -14.57
C PHE A 208 13.80 -3.88 -13.34
N ALA A 209 14.42 -2.83 -12.82
CA ALA A 209 15.07 -2.86 -11.53
C ALA A 209 14.72 -1.60 -10.74
N LEU A 210 14.68 -1.65 -9.42
CA LEU A 210 14.36 -0.51 -8.57
C LEU A 210 15.31 -0.51 -7.40
N CYS A 211 15.95 0.63 -7.11
CA CYS A 211 16.82 0.84 -5.97
C CYS A 211 16.11 1.68 -4.91
N SER A 212 15.86 1.10 -3.76
CA SER A 212 15.14 1.81 -2.72
C SER A 212 15.84 1.63 -1.38
N GLN A 213 15.26 2.10 -0.30
CA GLN A 213 15.92 2.13 1.00
C GLN A 213 14.96 2.05 2.17
N ARG A 214 15.49 1.74 3.34
CA ARG A 214 14.72 1.83 4.56
C ARG A 214 15.34 2.82 5.57
N SER A 215 16.66 2.99 5.60
CA SER A 215 17.35 3.94 6.47
C SER A 215 18.74 4.16 5.89
N ALA A 216 19.62 4.96 6.50
CA ALA A 216 21.02 5.16 6.07
C ALA A 216 21.84 3.86 6.00
N THR A 217 21.45 2.80 6.74
CA THR A 217 22.19 1.51 6.71
C THR A 217 21.37 0.29 6.30
N ARG A 218 20.17 0.48 5.75
CA ARG A 218 19.33 -0.60 5.23
C ARG A 218 18.68 -0.27 3.86
N SER A 219 18.87 -1.20 2.92
CA SER A 219 18.46 -1.12 1.53
C SER A 219 17.42 -2.10 1.05
N ARG A 220 16.61 -1.77 0.05
CA ARG A 220 15.62 -2.70 -0.49
C ARG A 220 15.66 -2.56 -2.00
N TYR A 221 15.92 -3.67 -2.67
CA TYR A 221 16.08 -3.70 -4.11
C TYR A 221 15.09 -4.64 -4.77
N TYR A 222 14.69 -4.35 -5.99
CA TYR A 222 13.75 -5.18 -6.72
C TYR A 222 14.18 -5.46 -8.15
N VAL A 223 14.00 -6.65 -8.68
CA VAL A 223 14.16 -6.85 -10.09
C VAL A 223 12.89 -7.52 -10.61
N GLN A 224 12.49 -7.20 -11.83
CA GLN A 224 11.43 -7.90 -12.53
C GLN A 224 11.93 -9.32 -12.86
N VAL A 225 11.03 -10.26 -12.63
CA VAL A 225 11.25 -11.68 -12.83
C VAL A 225 9.98 -12.27 -13.50
N PRO A 226 10.05 -13.30 -14.38
CA PRO A 226 8.88 -14.05 -14.84
C PRO A 226 8.08 -14.70 -13.71
N LEU A 227 6.83 -14.98 -13.99
CA LEU A 227 5.93 -15.59 -13.00
C LEU A 227 6.30 -17.04 -12.59
N SER A 228 7.03 -17.69 -13.48
CA SER A 228 7.52 -19.06 -13.29
C SER A 228 8.60 -19.24 -12.25
N GLU A 229 9.21 -18.13 -11.86
CA GLU A 229 10.30 -18.14 -10.92
C GLU A 229 9.95 -18.43 -9.48
N LYS A 230 10.88 -19.13 -8.87
CA LYS A 230 10.76 -19.34 -7.46
C LYS A 230 11.97 -18.79 -6.78
N VAL A 231 11.72 -18.25 -5.62
CA VAL A 231 12.76 -17.68 -4.80
C VAL A 231 13.93 -18.61 -4.41
N GLU A 232 13.78 -19.92 -4.26
CA GLU A 232 14.93 -20.77 -3.97
C GLU A 232 15.94 -20.90 -5.14
N ASP A 233 15.55 -20.55 -6.37
CA ASP A 233 16.48 -20.48 -7.50
C ASP A 233 17.29 -19.19 -7.49
N TRP A 234 17.00 -18.21 -6.63
CA TRP A 234 17.73 -16.97 -6.67
C TRP A 234 18.62 -16.77 -5.47
N SER A 235 19.89 -17.17 -5.55
CA SER A 235 20.82 -17.00 -4.43
C SER A 235 21.12 -15.51 -4.30
N ASP A 236 21.73 -15.12 -3.19
CA ASP A 236 22.09 -13.72 -3.01
C ASP A 236 22.99 -13.26 -4.14
N GLU A 237 23.95 -14.13 -4.44
CA GLU A 237 24.87 -13.98 -5.55
C GLU A 237 24.21 -13.70 -6.91
N ARG A 238 23.25 -14.53 -7.30
CA ARG A 238 22.51 -14.40 -8.54
C ARG A 238 21.75 -13.07 -8.53
N PHE A 239 21.13 -12.68 -7.40
CA PHE A 239 20.40 -11.43 -7.39
C PHE A 239 21.32 -10.22 -7.60
N TRP A 240 22.45 -10.07 -6.93
CA TRP A 240 23.33 -8.90 -7.08
C TRP A 240 23.97 -8.78 -8.45
N THR A 241 24.39 -9.87 -9.10
CA THR A 241 24.87 -9.93 -10.48
C THR A 241 23.76 -9.44 -11.42
N GLU A 242 22.52 -9.91 -11.27
CA GLU A 242 21.40 -9.44 -12.09
C GLU A 242 21.03 -7.97 -11.82
N LEU A 243 20.97 -7.50 -10.56
CA LEU A 243 20.72 -6.10 -10.26
C LEU A 243 21.76 -5.21 -10.96
N LYS A 244 23.04 -5.51 -10.78
CA LYS A 244 24.13 -4.78 -11.41
C LYS A 244 24.07 -4.73 -12.89
N ALA A 245 23.67 -5.82 -13.52
CA ALA A 245 23.51 -5.83 -14.96
C ALA A 245 22.39 -4.94 -15.48
N ARG A 246 21.36 -4.63 -14.67
CA ARG A 246 20.27 -3.77 -15.10
C ARG A 246 20.43 -2.28 -14.77
N LEU A 247 21.48 -1.91 -14.09
CA LEU A 247 21.69 -0.52 -13.71
C LEU A 247 22.71 0.24 -14.58
N PRO A 248 22.71 1.58 -14.65
CA PRO A 248 23.80 2.36 -15.25
C PRO A 248 25.11 1.96 -14.60
N SER A 249 26.20 1.83 -15.36
CA SER A 249 27.51 1.44 -14.83
C SER A 249 28.03 2.30 -13.69
N GLU A 250 27.90 3.63 -13.69
CA GLU A 250 28.36 4.46 -12.56
C GLU A 250 27.59 4.32 -11.23
N VAL A 251 26.35 3.77 -11.31
CA VAL A 251 25.54 3.34 -10.15
C VAL A 251 25.93 1.91 -9.74
N ALA A 252 26.01 0.90 -10.62
CA ALA A 252 26.49 -0.44 -10.20
C ALA A 252 27.91 -0.53 -9.57
N GLU A 253 28.87 0.33 -9.99
CA GLU A 253 30.22 0.40 -9.40
C GLU A 253 30.33 0.84 -7.93
N LYS A 254 29.36 1.69 -7.52
CA LYS A 254 29.23 2.25 -6.18
C LYS A 254 28.39 1.36 -5.24
N LEU A 255 27.74 0.31 -5.75
CA LEU A 255 26.86 -0.58 -5.00
C LEU A 255 27.56 -1.42 -3.96
N VAL A 256 27.13 -1.26 -2.73
CA VAL A 256 27.63 -2.07 -1.65
C VAL A 256 26.64 -3.22 -1.53
N THR A 257 27.09 -4.45 -1.74
CA THR A 257 26.23 -5.63 -1.66
C THR A 257 26.33 -6.37 -0.35
N GLY A 258 25.53 -7.38 -0.07
CA GLY A 258 25.67 -8.10 1.20
C GLY A 258 24.59 -9.17 1.39
N PRO A 259 24.57 -10.02 2.42
CA PRO A 259 23.58 -11.09 2.55
C PRO A 259 22.14 -10.62 2.70
N SER A 260 21.11 -11.33 2.24
CA SER A 260 19.74 -10.88 2.41
C SER A 260 19.23 -11.13 3.79
N LEU A 261 18.50 -10.16 4.31
CA LEU A 261 17.72 -10.33 5.51
C LEU A 261 16.37 -10.98 5.16
N GLU A 262 15.90 -10.65 3.96
CA GLU A 262 14.63 -11.14 3.46
C GLU A 262 14.66 -11.10 1.94
N LYS A 263 14.05 -12.14 1.37
CA LYS A 263 13.96 -12.26 -0.07
C LYS A 263 12.60 -12.84 -0.43
N SER A 264 11.85 -12.35 -1.41
CA SER A 264 10.53 -12.91 -1.73
C SER A 264 9.99 -12.47 -3.07
N ILE A 265 9.06 -13.16 -3.74
CA ILE A 265 8.53 -12.69 -5.01
C ILE A 265 7.08 -12.28 -4.82
N ALA A 266 6.73 -11.14 -5.37
CA ALA A 266 5.38 -10.59 -5.30
C ALA A 266 4.81 -10.46 -6.71
N PRO A 267 3.70 -11.08 -7.07
CA PRO A 267 3.10 -10.98 -8.40
C PRO A 267 2.50 -9.59 -8.59
N LEU A 268 2.46 -9.03 -9.79
CA LEU A 268 1.82 -7.74 -10.02
C LEU A 268 0.38 -7.88 -10.50
N ARG A 269 -0.51 -7.11 -9.88
CA ARG A 269 -1.95 -7.17 -10.10
C ARG A 269 -2.59 -5.80 -9.97
N SER A 270 -3.59 -5.54 -10.77
CA SER A 270 -4.47 -4.41 -10.61
C SER A 270 -5.82 -5.03 -10.33
N PHE A 271 -6.56 -4.51 -9.36
CA PHE A 271 -7.85 -5.06 -8.99
C PHE A 271 -8.72 -3.98 -8.36
N VAL A 272 -9.94 -3.75 -8.80
CA VAL A 272 -10.84 -2.79 -8.14
C VAL A 272 -12.23 -3.42 -7.96
N VAL A 273 -12.92 -3.36 -6.84
CA VAL A 273 -14.33 -3.73 -6.80
C VAL A 273 -15.17 -2.48 -6.60
N GLU A 274 -16.35 -2.49 -7.22
CA GLU A 274 -17.35 -1.46 -7.10
C GLU A 274 -18.70 -2.09 -6.79
N PRO A 275 -19.50 -1.66 -5.79
CA PRO A 275 -19.11 -0.72 -4.74
C PRO A 275 -18.12 -1.26 -3.70
N MET A 276 -17.73 -0.48 -2.69
CA MET A 276 -16.81 -0.91 -1.63
C MET A 276 -17.54 -1.09 -0.31
N GLN A 277 -18.84 -1.23 -0.37
CA GLN A 277 -19.64 -1.38 0.83
C GLN A 277 -20.90 -2.21 0.57
N HIS A 278 -21.45 -2.81 1.61
CA HIS A 278 -22.69 -3.57 1.50
C HIS A 278 -23.43 -3.47 2.83
N GLY A 279 -24.62 -2.88 2.93
CA GLY A 279 -25.26 -2.74 4.23
C GLY A 279 -24.35 -2.00 5.22
N ARG A 280 -24.04 -2.64 6.34
CA ARG A 280 -23.16 -2.12 7.39
C ARG A 280 -21.68 -2.55 7.39
N LEU A 281 -21.26 -3.18 6.29
CA LEU A 281 -19.88 -3.57 6.01
C LEU A 281 -19.31 -2.55 5.01
N PHE A 282 -18.14 -2.05 5.37
CA PHE A 282 -17.36 -1.08 4.58
C PHE A 282 -15.99 -1.66 4.30
N LEU A 283 -15.56 -1.82 3.04
CA LEU A 283 -14.23 -2.37 2.75
C LEU A 283 -13.17 -1.26 2.71
N ALA A 284 -11.96 -1.51 3.18
CA ALA A 284 -10.92 -0.53 3.13
C ALA A 284 -9.59 -1.19 2.81
N GLY A 285 -8.73 -0.52 2.06
CA GLY A 285 -7.40 -1.05 1.76
C GLY A 285 -7.38 -2.18 0.74
N ASP A 286 -6.46 -3.13 0.91
CA ASP A 286 -6.29 -4.20 -0.05
C ASP A 286 -7.49 -5.11 -0.15
N ALA A 287 -8.41 -5.07 0.83
CA ALA A 287 -9.69 -5.77 0.72
C ALA A 287 -10.58 -5.29 -0.43
N ALA A 288 -10.45 -4.01 -0.77
CA ALA A 288 -11.27 -3.44 -1.84
C ALA A 288 -10.51 -3.27 -3.18
N HIS A 289 -9.17 -3.14 -3.14
CA HIS A 289 -8.39 -2.83 -4.35
C HIS A 289 -6.89 -3.17 -4.33
N ILE A 290 -6.26 -3.55 -5.42
CA ILE A 290 -4.83 -3.86 -5.39
C ILE A 290 -4.23 -2.97 -6.46
N VAL A 291 -3.07 -2.36 -6.26
CA VAL A 291 -2.41 -1.63 -7.34
C VAL A 291 -1.03 -2.27 -7.52
N PRO A 292 -0.38 -2.32 -8.68
CA PRO A 292 0.98 -2.81 -8.77
C PRO A 292 1.91 -1.93 -7.94
N PRO A 293 2.96 -2.41 -7.29
CA PRO A 293 3.86 -1.63 -6.46
C PRO A 293 4.58 -0.48 -7.13
N THR A 294 4.67 -0.45 -8.49
CA THR A 294 5.39 0.55 -9.27
C THR A 294 5.00 1.99 -8.95
N GLY A 295 3.77 2.39 -8.65
CA GLY A 295 3.54 3.80 -8.29
C GLY A 295 3.56 4.07 -6.79
N ALA A 296 3.88 3.09 -5.93
CA ALA A 296 3.89 3.22 -4.48
C ALA A 296 2.59 3.70 -3.86
N LYS A 297 1.45 3.20 -4.36
CA LYS A 297 0.14 3.71 -3.98
C LYS A 297 -0.73 2.83 -3.09
N GLY A 298 -0.45 1.54 -2.90
CA GLY A 298 -1.38 0.65 -2.13
C GLY A 298 -1.72 0.99 -0.68
N LEU A 299 -0.70 1.10 0.16
CA LEU A 299 -0.81 1.55 1.53
C LEU A 299 -1.25 3.00 1.54
N ASN A 300 -0.87 3.85 0.60
CA ASN A 300 -1.38 5.21 0.61
C ASN A 300 -2.86 5.35 0.24
N LEU A 301 -3.40 4.46 -0.57
CA LEU A 301 -4.85 4.43 -0.82
C LEU A 301 -5.62 3.85 0.34
N ALA A 302 -4.97 2.94 1.05
CA ALA A 302 -5.53 2.42 2.28
C ALA A 302 -5.69 3.57 3.28
N ALA A 303 -4.68 4.44 3.39
CA ALA A 303 -4.71 5.59 4.27
C ALA A 303 -5.89 6.49 3.91
N SER A 304 -6.12 6.86 2.65
CA SER A 304 -7.26 7.71 2.33
C SER A 304 -8.64 7.05 2.41
N ASP A 305 -8.77 5.74 2.20
CA ASP A 305 -10.02 5.03 2.49
C ASP A 305 -10.32 5.14 3.97
N VAL A 306 -9.33 4.87 4.81
CA VAL A 306 -9.47 4.93 6.27
C VAL A 306 -9.78 6.36 6.77
N SER A 307 -9.11 7.34 6.18
CA SER A 307 -9.37 8.72 6.50
C SER A 307 -10.79 9.06 6.15
N THR A 308 -11.28 8.61 5.00
CA THR A 308 -12.67 8.88 4.60
C THR A 308 -13.66 8.14 5.47
N LEU A 309 -13.40 6.88 5.80
CA LEU A 309 -14.25 6.15 6.73
C LEU A 309 -14.31 6.68 8.17
N TYR A 310 -13.19 7.00 8.80
CA TYR A 310 -13.13 7.67 10.10
C TYR A 310 -13.96 8.96 10.09
N ARG A 311 -13.79 9.89 9.15
CA ARG A 311 -14.58 11.13 9.15
C ARG A 311 -16.05 10.90 8.97
N LEU A 312 -16.50 9.95 8.17
CA LEU A 312 -17.92 9.59 8.06
C LEU A 312 -18.46 8.85 9.27
N LEU A 313 -17.71 7.97 9.93
CA LEU A 313 -18.18 7.35 11.16
C LEU A 313 -18.25 8.41 12.28
N LEU A 314 -17.35 9.39 12.34
CA LEU A 314 -17.39 10.46 13.31
C LEU A 314 -18.66 11.25 13.08
N LYS A 315 -19.00 11.71 11.86
CA LYS A 315 -20.28 12.36 11.59
C LYS A 315 -21.45 11.48 12.02
N ALA A 316 -21.41 10.16 11.76
CA ALA A 316 -22.48 9.27 12.19
C ALA A 316 -22.62 9.16 13.70
N TYR A 317 -21.57 9.03 14.50
CA TYR A 317 -21.67 8.94 15.95
C TYR A 317 -21.76 10.26 16.70
N ARG A 318 -20.88 11.27 16.49
CA ARG A 318 -21.00 12.56 17.18
C ARG A 318 -22.17 13.36 16.73
N GLU A 319 -22.45 13.37 15.44
CA GLU A 319 -23.46 14.26 14.90
C GLU A 319 -24.75 13.64 14.44
N GLY A 320 -24.92 12.33 14.58
CA GLY A 320 -26.18 11.70 14.17
C GLY A 320 -26.43 11.64 12.66
N ARG A 321 -25.43 12.00 11.83
CA ARG A 321 -25.53 12.01 10.37
C ARG A 321 -25.16 10.68 9.68
N GLY A 322 -25.80 9.58 10.12
CA GLY A 322 -25.53 8.23 9.60
C GLY A 322 -25.81 8.04 8.10
N GLU A 323 -26.65 8.90 7.55
CA GLU A 323 -26.90 8.87 6.12
C GLU A 323 -25.67 9.20 5.29
N LEU A 324 -24.68 9.96 5.81
CA LEU A 324 -23.53 10.33 5.00
C LEU A 324 -22.66 9.11 4.67
N LEU A 325 -22.80 8.01 5.41
CA LEU A 325 -22.08 6.78 5.12
C LEU A 325 -22.39 6.12 3.77
N GLU A 326 -23.56 6.36 3.14
CA GLU A 326 -23.85 5.86 1.80
C GLU A 326 -22.93 6.40 0.70
N ARG A 327 -22.31 7.52 0.97
CA ARG A 327 -21.36 8.21 0.11
C ARG A 327 -19.92 7.66 0.15
N TYR A 328 -19.60 6.69 1.00
CA TYR A 328 -18.23 6.21 1.16
C TYR A 328 -17.58 5.72 -0.12
N SER A 329 -18.23 4.79 -0.78
CA SER A 329 -17.73 4.26 -2.03
C SER A 329 -17.54 5.30 -3.12
N ALA A 330 -18.46 6.22 -3.40
CA ALA A 330 -18.25 7.21 -4.47
C ALA A 330 -17.06 8.13 -4.24
N ILE A 331 -16.87 8.53 -2.98
CA ILE A 331 -15.76 9.39 -2.56
C ILE A 331 -14.43 8.64 -2.70
N CYS A 332 -14.26 7.46 -2.13
CA CYS A 332 -13.06 6.63 -2.30
C CYS A 332 -12.70 6.26 -3.74
N LEU A 333 -13.67 5.85 -4.54
CA LEU A 333 -13.41 5.41 -5.91
C LEU A 333 -12.88 6.50 -6.86
N ARG A 334 -13.24 7.79 -6.72
CA ARG A 334 -12.61 8.86 -7.50
C ARG A 334 -11.08 8.84 -7.33
N ARG A 335 -10.65 8.75 -6.07
CA ARG A 335 -9.22 8.67 -5.77
C ARG A 335 -8.59 7.33 -6.20
N ILE A 336 -9.26 6.21 -5.95
CA ILE A 336 -8.74 4.91 -6.27
C ILE A 336 -8.46 4.79 -7.74
N TRP A 337 -9.40 5.13 -8.63
CA TRP A 337 -9.21 5.04 -10.06
C TRP A 337 -8.10 5.95 -10.60
N LYS A 338 -7.89 7.19 -10.11
CA LYS A 338 -6.75 7.94 -10.58
C LYS A 338 -5.38 7.37 -10.17
N ALA A 339 -5.24 6.83 -8.97
CA ALA A 339 -4.03 6.16 -8.55
C ALA A 339 -3.85 4.82 -9.26
N GLU A 340 -4.94 4.10 -9.58
CA GLU A 340 -4.88 2.90 -10.42
C GLU A 340 -4.35 3.27 -11.82
N ARG A 341 -4.83 4.33 -12.46
CA ARG A 341 -4.33 4.76 -13.76
C ARG A 341 -2.86 5.17 -13.65
N PHE A 342 -2.42 5.91 -12.64
CA PHE A 342 -0.99 6.20 -12.50
C PHE A 342 -0.14 4.95 -12.32
N SER A 343 -0.50 4.04 -11.42
CA SER A 343 0.22 2.78 -11.21
C SER A 343 0.32 1.87 -12.45
N TRP A 344 -0.71 1.85 -13.27
CA TRP A 344 -0.74 1.16 -14.55
C TRP A 344 0.20 1.83 -15.54
N TRP A 345 0.18 3.16 -15.60
CA TRP A 345 1.05 3.89 -16.49
C TRP A 345 2.52 3.64 -16.16
N MET A 346 2.91 3.79 -14.90
CA MET A 346 4.28 3.52 -14.43
C MET A 346 4.77 2.12 -14.77
N THR A 347 3.89 1.15 -14.52
CA THR A 347 4.13 -0.26 -14.81
C THR A 347 4.38 -0.50 -16.30
N SER A 348 3.53 0.11 -17.13
CA SER A 348 3.64 0.02 -18.58
C SER A 348 4.91 0.57 -19.15
N VAL A 349 5.41 1.72 -18.66
CA VAL A 349 6.58 2.30 -19.28
C VAL A 349 7.91 1.84 -18.70
N LEU A 350 7.89 1.22 -17.51
CA LEU A 350 9.12 0.75 -16.87
C LEU A 350 9.48 -0.71 -16.96
N HIS A 351 8.55 -1.60 -17.30
CA HIS A 351 8.80 -3.04 -17.42
C HIS A 351 8.95 -3.58 -18.85
N ARG A 352 9.66 -4.69 -19.00
CA ARG A 352 9.81 -5.39 -20.28
C ARG A 352 8.63 -6.37 -20.41
N PHE A 353 7.75 -6.15 -21.35
CA PHE A 353 6.67 -7.10 -21.58
C PHE A 353 7.02 -8.25 -22.56
N PRO A 354 6.49 -9.49 -22.42
CA PRO A 354 6.39 -10.52 -23.44
C PRO A 354 5.91 -10.28 -24.86
N ASP A 355 4.65 -9.94 -25.18
CA ASP A 355 4.15 -9.82 -26.59
C ASP A 355 4.65 -8.54 -27.28
N THR A 356 5.94 -8.30 -27.32
CA THR A 356 6.27 -6.95 -27.73
C THR A 356 6.79 -6.71 -29.11
N ASP A 357 5.88 -6.22 -29.98
CA ASP A 357 6.33 -5.91 -31.32
C ASP A 357 7.21 -4.67 -31.42
N ALA A 358 7.93 -4.40 -32.51
CA ALA A 358 8.84 -3.26 -32.59
C ALA A 358 8.15 -1.88 -32.36
N PHE A 359 6.97 -1.61 -32.92
CA PHE A 359 6.22 -0.39 -32.65
C PHE A 359 5.99 -0.10 -31.15
N SER A 360 5.36 -0.99 -30.33
CA SER A 360 5.19 -0.79 -28.88
C SER A 360 6.46 -0.53 -28.10
N GLN A 361 7.57 -1.24 -28.40
CA GLN A 361 8.90 -0.99 -27.80
C GLN A 361 9.34 0.46 -28.02
N ARG A 362 9.14 0.97 -29.24
CA ARG A 362 9.49 2.35 -29.53
C ARG A 362 8.52 3.33 -28.93
N ILE A 363 7.22 3.07 -28.87
CA ILE A 363 6.31 3.96 -28.16
C ILE A 363 6.64 4.03 -26.66
N GLN A 364 7.03 2.90 -26.05
CA GLN A 364 7.44 2.86 -24.66
C GLN A 364 8.65 3.75 -24.39
N GLN A 365 9.63 3.66 -25.25
CA GLN A 365 10.80 4.48 -25.12
C GLN A 365 10.44 5.96 -25.33
N THR A 366 9.61 6.28 -26.34
CA THR A 366 9.17 7.65 -26.59
C THR A 366 8.29 8.17 -25.47
N GLU A 367 7.42 7.41 -24.79
CA GLU A 367 6.74 7.89 -23.58
C GLU A 367 7.72 8.38 -22.53
N LEU A 368 8.77 7.60 -22.23
CA LEU A 368 9.76 8.04 -21.27
C LEU A 368 10.45 9.31 -21.72
N GLU A 369 10.91 9.37 -22.96
CA GLU A 369 11.52 10.60 -23.47
C GLU A 369 10.59 11.82 -23.48
N TYR A 370 9.30 11.69 -23.78
CA TYR A 370 8.42 12.83 -23.70
C TYR A 370 8.15 13.22 -22.27
N TYR A 371 7.65 12.32 -21.44
CA TYR A 371 7.25 12.76 -20.10
C TYR A 371 8.42 13.30 -19.27
N LEU A 372 9.61 12.75 -19.45
CA LEU A 372 10.82 13.21 -18.76
C LEU A 372 11.55 14.42 -19.36
N GLY A 373 11.20 14.80 -20.56
CA GLY A 373 11.83 15.92 -21.23
C GLY A 373 10.97 17.16 -21.22
N SER A 374 9.68 17.07 -20.93
CA SER A 374 8.77 18.19 -20.96
C SER A 374 8.41 18.72 -19.60
N GLU A 375 8.37 20.04 -19.30
CA GLU A 375 7.96 20.48 -17.98
C GLU A 375 6.53 20.11 -17.59
N ALA A 376 5.60 20.17 -18.54
CA ALA A 376 4.24 19.69 -18.27
C ALA A 376 4.18 18.15 -18.06
N GLY A 377 4.97 17.39 -18.84
CA GLY A 377 5.13 15.95 -18.65
C GLY A 377 5.67 15.60 -17.29
N LEU A 378 6.76 16.23 -16.88
CA LEU A 378 7.32 16.04 -15.55
C LEU A 378 6.37 16.36 -14.42
N ALA A 379 5.55 17.42 -14.56
CA ALA A 379 4.55 17.77 -13.56
C ALA A 379 3.41 16.76 -13.39
N THR A 380 3.03 16.06 -14.46
CA THR A 380 2.00 15.01 -14.34
C THR A 380 2.55 13.84 -13.55
N ILE A 381 3.81 13.48 -13.72
CA ILE A 381 4.42 12.43 -12.90
C ILE A 381 4.53 12.83 -11.46
N ALA A 382 5.15 13.99 -11.24
CA ALA A 382 5.34 14.53 -9.91
C ALA A 382 4.07 14.73 -9.12
N GLU A 383 3.00 15.36 -9.62
CA GLU A 383 1.80 15.45 -8.82
C GLU A 383 1.11 14.12 -8.49
N ASN A 384 1.22 13.15 -9.39
CA ASN A 384 0.70 11.82 -9.13
C ASN A 384 1.57 11.09 -8.17
N PHE A 385 2.88 11.22 -8.27
CA PHE A 385 3.76 10.52 -7.38
C PHE A 385 3.63 11.06 -5.96
N VAL A 386 3.50 12.38 -5.73
CA VAL A 386 3.35 12.84 -4.34
C VAL A 386 1.99 12.57 -3.77
N GLY A 387 1.01 12.32 -4.63
CA GLY A 387 -0.31 12.03 -4.16
C GLY A 387 -1.23 13.18 -4.46
N LEU A 388 -2.26 12.84 -5.20
CA LEU A 388 -3.28 13.81 -5.54
C LEU A 388 -4.09 14.17 -4.28
N PRO A 389 -4.61 15.40 -4.10
CA PRO A 389 -5.23 15.81 -2.85
C PRO A 389 -6.44 14.99 -2.40
N TYR A 390 -6.64 14.76 -1.10
CA TYR A 390 -7.82 14.04 -0.64
C TYR A 390 -9.09 14.87 -0.78
N GLU A 391 -10.24 14.30 -1.14
CA GLU A 391 -11.49 15.07 -1.12
C GLU A 391 -12.08 15.54 0.23
N GLU A 392 -12.25 16.87 0.28
CA GLU A 392 -12.74 17.64 1.44
C GLU A 392 -14.03 17.17 2.13
N ILE A 393 -15.01 16.83 1.26
CA ILE A 393 -16.42 16.38 1.48
C ILE A 393 -17.54 17.20 2.21
N GLU A 394 -18.62 16.45 2.55
CA GLU A 394 -19.85 16.86 3.20
C GLU A 394 -20.92 17.06 2.11
PA FAD B . -2.72 -6.06 4.75
O1A FAD B . -1.45 -5.46 5.06
O2A FAD B . -2.76 -7.19 3.80
O5B FAD B . -3.32 -6.62 6.10
C5B FAD B . -4.60 -7.26 6.24
C4B FAD B . -4.65 -8.13 7.50
O4B FAD B . -5.89 -8.87 7.59
C3B FAD B . -3.55 -9.17 7.53
O3B FAD B . -2.86 -8.99 8.76
C2B FAD B . -4.27 -10.50 7.52
O2B FAD B . -3.61 -11.47 8.32
C1B FAD B . -5.60 -10.17 8.10
N9A FAD B . -6.63 -11.13 7.66
C8A FAD B . -6.83 -11.67 6.42
N7A FAD B . -7.85 -12.47 6.36
C5A FAD B . -8.39 -12.45 7.65
C6A FAD B . -9.51 -13.06 8.21
N6A FAD B . -10.29 -13.91 7.54
N1A FAD B . -9.77 -12.81 9.49
C2A FAD B . -8.99 -11.99 10.16
N3A FAD B . -7.90 -11.36 9.75
C4A FAD B . -7.66 -11.64 8.46
N1 FAD B . 2.18 0.64 -1.06
C2 FAD B . 2.61 1.91 -0.87
O2 FAD B . 1.81 2.80 -0.64
N3 FAD B . 3.95 2.16 -1.00
C4 FAD B . 4.92 1.22 -1.31
O4 FAD B . 6.08 1.62 -1.24
C4X FAD B . 4.40 -0.14 -1.51
N5 FAD B . 5.32 -1.06 -1.85
C5X FAD B . 4.78 -2.28 -1.88
C6 FAD B . 5.66 -3.29 -2.24
C7 FAD B . 5.31 -4.58 -2.29
C7M FAD B . 6.29 -5.62 -2.87
C8 FAD B . 4.01 -4.93 -1.94
C8M FAD B . 3.57 -6.38 -1.87
C9 FAD B . 3.14 -3.99 -1.59
C9A FAD B . 3.50 -2.64 -1.57
N10 FAD B . 2.60 -1.63 -1.27
C10 FAD B . 3.06 -0.32 -1.35
C1' FAD B . 1.22 -1.96 -0.88
C2' FAD B . 0.90 -2.09 0.63
O2' FAD B . 1.84 -2.92 1.32
C3' FAD B . -0.52 -2.62 0.86
O3' FAD B . -1.49 -1.95 0.05
C4' FAD B . -0.88 -2.59 2.37
O4' FAD B . -0.23 -3.70 3.03
C5' FAD B . -2.40 -2.64 2.61
O5' FAD B . -2.71 -2.76 4.00
P FAD B . -4.01 -3.46 4.53
O1P FAD B . -4.06 -3.28 5.97
O2P FAD B . -5.14 -3.04 3.70
O3P FAD B . -3.74 -5.01 4.19
C1' PHB C . 10.01 -0.03 -1.47
O1' PHB C . 9.77 -1.11 -0.96
O2' PHB C . 10.86 0.63 -0.89
C1 PHB C . 9.35 0.44 -2.61
C2 PHB C . 8.33 -0.27 -3.20
C3 PHB C . 7.65 0.22 -4.29
C4 PHB C . 8.00 1.44 -4.83
C5 PHB C . 9.02 2.15 -4.26
C6 PHB C . 9.70 1.66 -3.16
O4 PHB C . 7.29 2.00 -5.89
#